data_1UOZ
#
_entry.id   1UOZ
#
_cell.length_a   61.940
_cell.length_b   92.627
_cell.length_c   46.677
_cell.angle_alpha   90.00
_cell.angle_beta   90.00
_cell.angle_gamma   90.00
#
_symmetry.space_group_name_H-M   'P 21 21 2'
#
loop_
_entity.id
_entity.type
_entity.pdbx_description
1 polymer 'PUTATIVE CELLULASE'
2 branched alpha-D-glucopyranose-(1-4)-1,4-dithio-beta-D-glucopyranose-(1-4)-1,4-dithio-beta-D-glucopyranose
3 non-polymer 4-thio-beta-D-glucopyranose
4 non-polymer GLYCEROL
5 non-polymer 'SULFATE ION'
6 water water
#
_entity_poly.entity_id   1
_entity_poly.type   'polypeptide(L)'
_entity_poly.pdbx_seq_one_letter_code
;MGHHHHHHHHHHSSGHIEGRHMANPLAGKPFYVDPASAAMVAARNANPPNAELTSVANTPQSYWLDQAFPPATVGGTVAR
YTGAAQAAGAMPVLTLYGIPHRDCGSYASGGFATGTDYRGWIDAVASGLGSSPATIIVEPDALAMADCLSPDQRQERFDL
VRYAVDTLTRDPAAAVYVDAGHSRWLSAEAMAARLNDVGVGRARGFSLNVSNFYTTDEEIGYGEAISGLTNGSHYVIDTS
RNGAGPAPDAPLNWCNPSGRALGAPPTTATAGAHADAYLWIKRPGESDGTCGRGEPQAGRFVSQYAIDLAHNAGQ
;
_entity_poly.pdbx_strand_id   A
#
loop_
_chem_comp.id
_chem_comp.type
_chem_comp.name
_chem_comp.formula
GLC D-saccharide, alpha linking alpha-D-glucopyranose 'C6 H12 O6'
GOL non-polymer GLYCEROL 'C3 H8 O3'
SGC D-saccharide, beta linking 4-thio-beta-D-glucopyranose 'C6 H12 O5 S'
SO4 non-polymer 'SULFATE ION' 'O4 S -2'
SSG D-saccharide, beta linking 1,4-dithio-beta-D-glucopyranose 'C6 H12 O4 S2'
#
# COMPACT_ATOMS: atom_id res chain seq x y z
N GLY A 15 -29.36 -26.75 11.54
CA GLY A 15 -30.06 -25.84 10.60
C GLY A 15 -29.41 -25.62 9.25
N HIS A 16 -30.17 -24.95 8.41
CA HIS A 16 -29.73 -24.40 7.14
C HIS A 16 -28.43 -23.60 7.27
N ILE A 17 -27.57 -23.70 6.25
CA ILE A 17 -26.37 -22.90 6.16
C ILE A 17 -26.50 -21.94 4.95
N GLU A 18 -26.45 -20.64 5.16
CA GLU A 18 -26.52 -19.69 4.08
C GLU A 18 -25.31 -19.76 3.16
N GLY A 19 -25.53 -19.39 1.91
CA GLY A 19 -24.43 -19.15 1.00
C GLY A 19 -23.71 -17.85 1.39
N ARG A 20 -22.55 -17.62 0.79
CA ARG A 20 -21.77 -16.42 1.09
C ARG A 20 -22.42 -15.13 0.51
N HIS A 21 -22.36 -14.02 1.24
CA HIS A 21 -22.72 -12.72 0.67
C HIS A 21 -21.54 -12.14 -0.11
N ALA A 23 -19.14 -10.05 0.30
CA ALA A 23 -19.07 -8.86 1.15
C ALA A 23 -17.64 -8.32 1.25
N ASN A 24 -17.50 -7.14 1.81
CA ASN A 24 -16.20 -6.44 1.83
C ASN A 24 -15.33 -7.08 2.92
N PRO A 25 -14.18 -7.68 2.58
CA PRO A 25 -13.36 -8.34 3.61
C PRO A 25 -12.74 -7.36 4.59
N LEU A 26 -12.75 -6.07 4.25
CA LEU A 26 -12.16 -5.06 5.10
C LEU A 26 -13.13 -4.47 6.10
N ALA A 27 -14.42 -4.77 5.98
CA ALA A 27 -15.42 -4.24 6.90
C ALA A 27 -15.48 -5.16 8.13
N GLY A 28 -15.73 -4.60 9.26
CA GLY A 28 -16.00 -5.43 10.44
C GLY A 28 -15.09 -5.40 11.62
N LYS A 29 -13.83 -5.02 11.45
CA LYS A 29 -12.99 -4.69 12.57
C LYS A 29 -12.07 -3.54 12.16
N PRO A 30 -11.55 -2.84 13.14
CA PRO A 30 -10.69 -1.70 12.85
C PRO A 30 -9.42 -2.16 12.17
N PHE A 31 -8.78 -1.25 11.47
CA PHE A 31 -7.44 -1.49 10.98
C PHE A 31 -6.43 -1.37 12.09
N TYR A 32 -5.40 -2.19 12.04
CA TYR A 32 -4.39 -2.26 13.09
C TYR A 32 -3.48 -1.05 13.11
N VAL A 33 -3.31 -0.47 14.29
CA VAL A 33 -2.36 0.61 14.52
C VAL A 33 -1.06 -0.01 15.00
N ASP A 34 0.01 0.17 14.23
CA ASP A 34 1.30 -0.37 14.58
C ASP A 34 1.83 0.37 15.82
N PRO A 35 2.03 -0.33 16.93
CA PRO A 35 2.44 0.34 18.17
C PRO A 35 3.90 0.76 18.18
N ALA A 36 4.69 0.34 17.20
CA ALA A 36 6.11 0.57 17.16
C ALA A 36 6.52 1.32 15.90
N SER A 37 5.59 1.99 15.22
CA SER A 37 5.93 2.75 14.05
C SER A 37 6.87 3.90 14.41
N ALA A 38 7.55 4.42 13.39
CA ALA A 38 8.38 5.59 13.55
C ALA A 38 7.53 6.76 14.04
N ALA A 39 6.29 6.89 13.57
CA ALA A 39 5.43 7.98 14.03
C ALA A 39 5.13 7.83 15.51
N MET A 40 4.86 6.60 15.97
CA MET A 40 4.58 6.40 17.38
C MET A 40 5.78 6.71 18.24
N VAL A 41 6.97 6.31 17.80
CA VAL A 41 8.20 6.63 18.50
C VAL A 41 8.34 8.15 18.58
N ALA A 42 8.14 8.85 17.49
CA ALA A 42 8.25 10.31 17.50
C ALA A 42 7.19 10.95 18.38
N ALA A 43 5.96 10.48 18.35
CA ALA A 43 4.89 11.06 19.15
C ALA A 43 5.18 10.89 20.62
N ARG A 44 5.68 9.72 21.01
CA ARG A 44 5.98 9.45 22.40
C ARG A 44 7.19 10.27 22.90
N ASN A 45 8.12 10.60 22.00
CA ASN A 45 9.31 11.37 22.34
C ASN A 45 9.10 12.85 22.38
N ALA A 46 8.07 13.35 21.72
CA ALA A 46 7.84 14.78 21.60
C ALA A 46 7.74 15.43 22.98
N ASN A 47 8.52 16.49 23.17
CA ASN A 47 8.55 17.20 24.42
C ASN A 47 8.49 18.70 24.12
N PRO A 48 7.33 19.37 24.24
CA PRO A 48 6.10 18.82 24.81
C PRO A 48 5.39 17.93 23.78
N PRO A 49 4.34 17.25 24.21
CA PRO A 49 3.54 16.46 23.29
C PRO A 49 3.12 17.31 22.08
N ASN A 50 3.07 16.68 20.90
CA ASN A 50 2.67 17.34 19.68
C ASN A 50 1.38 16.75 19.13
C ASN A 50 1.45 16.54 19.27
N ALA A 51 0.38 17.61 18.91
N ALA A 51 0.28 17.10 19.55
CA ALA A 51 -0.96 17.16 18.49
CA ALA A 51 -0.98 16.44 19.26
C ALA A 51 -0.92 16.46 17.13
C ALA A 51 -1.09 15.88 17.86
N GLU A 52 -0.11 17.00 16.23
N GLU A 52 -0.51 16.60 16.91
CA GLU A 52 0.01 16.49 14.87
CA GLU A 52 -0.65 16.23 15.51
C GLU A 52 0.61 15.09 14.85
C GLU A 52 0.22 15.01 15.18
N LEU A 53 1.73 14.93 15.56
N LEU A 53 1.42 14.97 15.75
CA LEU A 53 2.37 13.63 15.61
CA LEU A 53 2.23 13.78 15.58
C LEU A 53 1.52 12.57 16.27
C LEU A 53 1.50 12.61 16.26
N THR A 54 0.89 12.91 17.39
CA THR A 54 0.04 11.95 18.05
C THR A 54 -1.11 11.50 17.15
N SER A 55 -1.72 12.41 16.46
CA SER A 55 -2.84 12.07 15.58
C SER A 55 -2.37 11.07 14.53
N VAL A 56 -1.26 11.38 13.88
CA VAL A 56 -0.73 10.52 12.83
C VAL A 56 -0.37 9.14 13.39
N ALA A 57 0.31 9.11 14.54
CA ALA A 57 0.76 7.88 15.14
C ALA A 57 -0.41 6.95 15.48
N ASN A 58 -1.54 7.53 15.84
CA ASN A 58 -2.72 6.77 16.25
C ASN A 58 -3.61 6.40 15.08
N THR A 59 -3.20 6.68 13.85
CA THR A 59 -3.99 6.33 12.68
C THR A 59 -3.40 5.05 12.07
N PRO A 60 -4.19 4.03 11.78
CA PRO A 60 -3.65 2.80 11.22
C PRO A 60 -3.09 3.03 9.84
N GLN A 61 -1.92 2.45 9.57
N GLN A 61 -1.99 2.40 9.52
CA GLN A 61 -1.24 2.64 8.29
CA GLN A 61 -1.30 2.63 8.27
C GLN A 61 -0.93 1.30 7.68
C GLN A 61 -1.09 1.25 7.59
N SER A 62 0.20 1.05 7.14
N SER A 62 -0.05 1.03 6.82
CA SER A 62 0.52 -0.27 6.61
CA SER A 62 0.44 -0.28 6.41
C SER A 62 1.95 -0.50 6.92
C SER A 62 1.91 -0.50 6.88
N TYR A 63 2.30 -1.77 7.03
CA TYR A 63 3.65 -2.20 7.43
C TYR A 63 4.38 -2.69 6.21
N TRP A 64 5.43 -1.97 5.81
CA TRP A 64 6.15 -2.23 4.56
C TRP A 64 7.26 -3.24 4.77
N LEU A 65 7.28 -4.27 3.94
CA LEU A 65 8.30 -5.30 3.96
C LEU A 65 9.03 -5.33 2.62
N ASP A 66 10.33 -5.51 2.65
CA ASP A 66 11.17 -5.54 1.44
C ASP A 66 12.34 -6.48 1.66
N GLN A 67 13.38 -6.28 0.85
CA GLN A 67 14.54 -7.16 0.87
C GLN A 67 15.36 -7.08 2.14
N ALA A 68 15.09 -6.15 3.03
CA ALA A 68 15.68 -6.18 4.37
C ALA A 68 15.18 -7.32 5.23
N PHE A 69 14.12 -8.01 4.79
CA PHE A 69 13.52 -9.13 5.51
C PHE A 69 13.74 -10.36 4.64
N PRO A 70 14.80 -11.14 4.90
CA PRO A 70 15.14 -12.20 3.96
C PRO A 70 14.12 -13.32 3.96
N PRO A 71 14.05 -14.11 2.89
CA PRO A 71 13.15 -15.27 2.86
C PRO A 71 13.32 -16.15 4.07
N ALA A 72 14.55 -16.30 4.58
CA ALA A 72 14.78 -17.18 5.71
C ALA A 72 14.04 -16.79 6.96
N THR A 73 13.69 -15.53 7.14
CA THR A 73 13.11 -15.07 8.39
C THR A 73 11.80 -14.30 8.24
N VAL A 74 11.42 -13.87 7.04
CA VAL A 74 10.27 -13.01 6.91
C VAL A 74 8.98 -13.69 7.35
N GLY A 75 8.90 -15.00 7.23
CA GLY A 75 7.69 -15.69 7.69
C GLY A 75 7.41 -15.41 9.15
N GLY A 76 8.43 -15.50 10.00
CA GLY A 76 8.23 -15.23 11.40
C GLY A 76 7.87 -13.81 11.67
N THR A 77 8.44 -12.88 10.91
CA THR A 77 8.10 -11.46 11.03
C THR A 77 6.61 -11.24 10.71
N VAL A 78 6.16 -11.85 9.63
CA VAL A 78 4.76 -11.74 9.20
C VAL A 78 3.83 -12.38 10.22
N ALA A 79 4.17 -13.56 10.69
CA ALA A 79 3.32 -14.23 11.70
C ALA A 79 3.22 -13.39 12.96
N ARG A 80 4.32 -12.77 13.39
CA ARG A 80 4.30 -11.95 14.59
C ARG A 80 3.34 -10.78 14.39
N TYR A 81 3.44 -10.09 13.25
CA TYR A 81 2.62 -8.92 13.00
C TYR A 81 1.14 -9.26 12.88
N THR A 82 0.84 -10.29 12.11
CA THR A 82 -0.55 -10.68 11.94
C THR A 82 -1.12 -11.24 13.25
N GLY A 83 -0.32 -11.95 14.01
CA GLY A 83 -0.77 -12.42 15.29
C GLY A 83 -1.02 -11.30 16.28
N ALA A 84 -0.18 -10.27 16.26
CA ALA A 84 -0.37 -9.09 17.10
C ALA A 84 -1.64 -8.38 16.72
N ALA A 85 -1.91 -8.24 15.42
CA ALA A 85 -3.14 -7.58 15.00
C ALA A 85 -4.35 -8.38 15.48
N GLN A 86 -4.31 -9.69 15.31
CA GLN A 86 -5.39 -10.54 15.78
C GLN A 86 -5.60 -10.38 17.30
N ALA A 87 -4.54 -10.28 18.07
CA ALA A 87 -4.64 -10.07 19.52
C ALA A 87 -5.23 -8.70 19.85
N ALA A 88 -5.14 -7.75 18.92
CA ALA A 88 -5.73 -6.44 19.06
C ALA A 88 -7.15 -6.38 18.48
N GLY A 89 -7.67 -7.46 17.93
CA GLY A 89 -8.98 -7.49 17.28
C GLY A 89 -9.04 -6.64 16.04
N ALA A 90 -7.95 -6.57 15.28
CA ALA A 90 -7.80 -5.61 14.20
C ALA A 90 -7.25 -6.28 12.96
N MET A 91 -7.50 -5.64 11.82
CA MET A 91 -7.03 -6.10 10.51
C MET A 91 -5.67 -5.48 10.21
N PRO A 92 -4.61 -6.28 10.08
CA PRO A 92 -3.29 -5.73 9.70
C PRO A 92 -3.26 -5.47 8.21
N VAL A 93 -2.59 -4.40 7.82
CA VAL A 93 -2.30 -4.07 6.43
C VAL A 93 -0.80 -4.17 6.24
N LEU A 94 -0.40 -4.99 5.30
CA LEU A 94 1.02 -5.20 4.95
C LEU A 94 1.24 -4.79 3.51
N THR A 95 2.35 -4.11 3.26
CA THR A 95 2.72 -3.70 1.92
C THR A 95 3.98 -4.44 1.51
N LEU A 96 3.91 -5.22 0.46
CA LEU A 96 5.08 -5.94 -0.06
C LEU A 96 5.75 -5.09 -1.11
N TYR A 97 7.04 -4.82 -0.92
CA TYR A 97 7.77 -3.90 -1.75
C TYR A 97 9.20 -4.44 -1.99
N GLY A 98 9.24 -5.65 -2.56
CA GLY A 98 10.48 -6.36 -2.79
C GLY A 98 10.80 -6.69 -4.23
N ILE A 99 10.05 -6.17 -5.20
CA ILE A 99 10.19 -6.63 -6.58
C ILE A 99 11.62 -6.38 -7.08
N PRO A 100 12.17 -7.31 -7.89
CA PRO A 100 13.47 -7.01 -8.51
C PRO A 100 13.38 -5.74 -9.34
N HIS A 101 14.50 -5.00 -9.36
CA HIS A 101 14.58 -3.74 -10.08
C HIS A 101 13.58 -2.72 -9.54
N ARG A 102 13.39 -2.77 -8.22
CA ARG A 102 12.40 -1.91 -7.56
C ARG A 102 12.67 -0.45 -7.89
N ASP A 103 11.62 0.30 -8.19
CA ASP A 103 11.68 1.71 -8.48
C ASP A 103 12.51 2.03 -9.71
N CYS A 104 12.79 1.03 -10.55
CA CYS A 104 13.63 1.24 -11.72
C CYS A 104 14.93 1.94 -11.35
N GLY A 105 15.46 1.65 -10.17
CA GLY A 105 16.74 2.16 -9.74
C GLY A 105 16.78 3.62 -9.33
N SER A 106 15.62 4.22 -9.07
CA SER A 106 15.50 5.62 -8.65
C SER A 106 15.57 5.71 -7.11
N TYR A 107 14.94 6.74 -6.53
CA TYR A 107 15.14 7.07 -5.13
C TYR A 107 14.83 5.92 -4.19
N ALA A 108 13.88 5.07 -4.56
CA ALA A 108 13.46 3.94 -3.73
C ALA A 108 14.01 2.64 -4.30
N SER A 109 15.19 2.68 -4.91
CA SER A 109 15.82 1.49 -5.40
C SER A 109 15.95 0.44 -4.31
N GLY A 110 15.94 -0.83 -4.72
CA GLY A 110 16.05 -1.96 -3.81
C GLY A 110 15.40 -3.18 -4.45
N GLY A 111 14.74 -3.97 -3.62
CA GLY A 111 14.20 -5.21 -4.08
C GLY A 111 15.18 -6.36 -4.06
N PHE A 112 14.65 -7.55 -4.20
CA PHE A 112 15.46 -8.74 -4.30
C PHE A 112 16.26 -8.76 -5.61
N ALA A 113 17.37 -9.48 -5.60
CA ALA A 113 18.27 -9.49 -6.74
C ALA A 113 17.68 -10.17 -7.93
N THR A 114 16.98 -11.29 -7.72
CA THR A 114 16.52 -12.15 -8.80
C THR A 114 15.08 -12.56 -8.54
N GLY A 115 14.46 -13.03 -9.61
CA GLY A 115 13.14 -13.61 -9.51
C GLY A 115 13.09 -14.83 -8.62
N THR A 116 14.13 -15.67 -8.64
CA THR A 116 14.15 -16.81 -7.74
C THR A 116 14.10 -16.39 -6.26
N ASP A 117 14.85 -15.36 -5.93
CA ASP A 117 14.78 -14.85 -4.57
C ASP A 117 13.43 -14.28 -4.21
N TYR A 118 12.83 -13.54 -5.14
CA TYR A 118 11.51 -12.98 -4.91
C TYR A 118 10.47 -14.08 -4.66
N ARG A 119 10.51 -15.15 -5.47
CA ARG A 119 9.59 -16.24 -5.30
C ARG A 119 9.77 -16.88 -3.92
N GLY A 120 11.02 -17.11 -3.49
CA GLY A 120 11.27 -17.63 -2.18
C GLY A 120 10.76 -16.74 -1.06
N TRP A 121 10.88 -15.44 -1.27
CA TRP A 121 10.34 -14.47 -0.32
C TRP A 121 8.84 -14.57 -0.20
N ILE A 122 8.15 -14.58 -1.32
CA ILE A 122 6.70 -14.76 -1.33
C ILE A 122 6.29 -16.04 -0.63
N ASP A 123 6.99 -17.14 -0.91
CA ASP A 123 6.66 -18.38 -0.25
C ASP A 123 6.74 -18.23 1.28
N ALA A 124 7.75 -17.53 1.75
CA ALA A 124 7.93 -17.32 3.18
C ALA A 124 6.87 -16.39 3.76
N VAL A 125 6.53 -15.32 3.05
CA VAL A 125 5.44 -14.46 3.49
C VAL A 125 4.15 -15.26 3.63
N ALA A 126 3.83 -16.08 2.63
CA ALA A 126 2.63 -16.88 2.66
C ALA A 126 2.66 -17.85 3.85
N SER A 127 3.81 -18.44 4.14
CA SER A 127 3.93 -19.31 5.29
CA SER A 127 3.96 -19.33 5.29
C SER A 127 3.63 -18.57 6.57
N GLY A 128 4.11 -17.35 6.69
CA GLY A 128 3.84 -16.56 7.88
C GLY A 128 2.40 -16.17 8.02
N LEU A 129 1.72 -15.92 6.90
CA LEU A 129 0.30 -15.51 6.95
C LEU A 129 -0.54 -16.65 7.46
N GLY A 130 -0.24 -17.88 7.06
CA GLY A 130 -1.04 -19.04 7.44
C GLY A 130 -2.48 -18.86 6.99
N SER A 131 -3.42 -18.95 7.93
CA SER A 131 -4.84 -18.71 7.71
CA SER A 131 -4.84 -18.67 7.66
C SER A 131 -5.32 -17.41 8.38
N SER A 132 -4.38 -16.54 8.77
CA SER A 132 -4.73 -15.37 9.53
CA SER A 132 -4.67 -15.36 9.56
C SER A 132 -5.24 -14.22 8.70
N PRO A 133 -6.11 -13.39 9.26
CA PRO A 133 -6.57 -12.21 8.52
C PRO A 133 -5.43 -11.26 8.19
N ALA A 134 -5.43 -10.74 6.97
CA ALA A 134 -4.48 -9.72 6.56
C ALA A 134 -4.93 -9.05 5.32
N THR A 135 -4.56 -7.81 5.14
CA THR A 135 -4.73 -7.06 3.89
C THR A 135 -3.34 -6.89 3.31
N ILE A 136 -3.15 -7.28 2.07
CA ILE A 136 -1.85 -7.23 1.45
C ILE A 136 -1.88 -6.34 0.22
N ILE A 137 -1.02 -5.32 0.22
CA ILE A 137 -0.83 -4.43 -0.92
C ILE A 137 0.40 -4.97 -1.66
N VAL A 138 0.18 -5.51 -2.85
CA VAL A 138 1.25 -6.16 -3.59
C VAL A 138 1.96 -5.18 -4.51
N GLU A 139 3.18 -4.84 -4.12
CA GLU A 139 4.16 -4.17 -4.99
C GLU A 139 3.72 -2.84 -5.57
N PRO A 140 3.60 -1.83 -4.72
CA PRO A 140 3.44 -0.43 -5.21
C PRO A 140 4.33 -0.17 -6.39
N ASP A 141 3.73 0.36 -7.45
CA ASP A 141 4.39 0.80 -8.68
C ASP A 141 4.83 -0.29 -9.62
N ALA A 142 4.85 -1.57 -9.22
CA ALA A 142 5.54 -2.56 -10.07
C ALA A 142 4.90 -2.67 -11.45
N LEU A 143 3.59 -2.83 -11.51
CA LEU A 143 2.94 -2.91 -12.80
C LEU A 143 2.95 -1.56 -13.53
N ALA A 144 2.77 -0.46 -12.81
CA ALA A 144 2.67 0.84 -13.46
C ALA A 144 3.98 1.26 -14.07
N MET A 145 5.09 0.90 -13.44
CA MET A 145 6.42 1.37 -13.81
CA MET A 145 6.39 1.38 -13.86
C MET A 145 7.12 0.37 -14.72
N ALA A 146 6.51 -0.77 -15.02
CA ALA A 146 7.19 -1.91 -15.64
C ALA A 146 7.80 -1.60 -17.00
N ASP A 147 7.34 -0.56 -17.70
CA ASP A 147 7.88 -0.25 -19.01
C ASP A 147 9.31 0.29 -18.93
N CYS A 148 9.85 0.58 -17.76
CA CYS A 148 11.29 0.86 -17.65
C CYS A 148 12.17 -0.34 -17.95
N LEU A 149 11.58 -1.52 -17.93
CA LEU A 149 12.28 -2.75 -18.11
C LEU A 149 12.26 -3.17 -19.59
N SER A 150 13.20 -4.00 -19.98
CA SER A 150 13.17 -4.62 -21.29
C SER A 150 11.94 -5.51 -21.39
N PRO A 151 11.53 -5.87 -22.60
CA PRO A 151 10.40 -6.80 -22.76
C PRO A 151 10.50 -8.05 -21.91
N ASP A 152 11.67 -8.69 -21.87
CA ASP A 152 11.77 -9.93 -21.13
C ASP A 152 11.78 -9.69 -19.62
N GLN A 153 12.41 -8.62 -19.16
CA GLN A 153 12.36 -8.38 -17.71
C GLN A 153 10.97 -7.89 -17.28
N ARG A 154 10.26 -7.24 -18.16
CA ARG A 154 8.88 -6.86 -17.91
C ARG A 154 8.01 -8.07 -17.77
N GLN A 155 8.16 -9.04 -18.67
CA GLN A 155 7.40 -10.27 -18.56
C GLN A 155 7.74 -10.99 -17.24
N GLU A 156 9.02 -11.06 -16.90
CA GLU A 156 9.40 -11.65 -15.62
C GLU A 156 8.68 -10.99 -14.48
N ARG A 157 8.66 -9.66 -14.48
CA ARG A 157 7.99 -8.92 -13.44
C ARG A 157 6.52 -9.31 -13.35
N PHE A 158 5.84 -9.34 -14.49
CA PHE A 158 4.43 -9.73 -14.48
C PHE A 158 4.29 -11.15 -13.90
N ASP A 159 5.17 -12.07 -14.29
CA ASP A 159 5.11 -13.42 -13.76
C ASP A 159 5.32 -13.45 -12.23
N LEU A 160 6.17 -12.57 -11.70
CA LEU A 160 6.40 -12.50 -10.27
C LEU A 160 5.19 -11.96 -9.53
N VAL A 161 4.54 -10.94 -10.09
CA VAL A 161 3.33 -10.41 -9.46
C VAL A 161 2.22 -11.48 -9.49
N ARG A 162 2.09 -12.20 -10.59
CA ARG A 162 1.15 -13.29 -10.66
C ARG A 162 1.46 -14.36 -9.63
N TYR A 163 2.74 -14.66 -9.45
CA TYR A 163 3.19 -15.62 -8.43
C TYR A 163 2.75 -15.17 -7.06
N ALA A 164 2.91 -13.90 -6.74
CA ALA A 164 2.46 -13.35 -5.49
C ALA A 164 0.94 -13.55 -5.32
N VAL A 165 0.17 -13.22 -6.34
CA VAL A 165 -1.26 -13.43 -6.23
C VAL A 165 -1.60 -14.89 -5.95
N ASP A 166 -1.03 -15.78 -6.75
CA ASP A 166 -1.36 -17.20 -6.66
C ASP A 166 -0.96 -17.79 -5.34
N THR A 167 0.12 -17.31 -4.76
CA THR A 167 0.68 -17.91 -3.55
C THR A 167 0.08 -17.29 -2.30
N LEU A 168 -0.09 -15.98 -2.28
CA LEU A 168 -0.62 -15.31 -1.10
C LEU A 168 -2.09 -15.61 -0.85
N THR A 169 -2.85 -15.81 -1.92
CA THR A 169 -4.28 -16.05 -1.81
C THR A 169 -4.59 -17.45 -1.27
N ARG A 170 -3.60 -18.29 -1.06
CA ARG A 170 -3.80 -19.54 -0.35
C ARG A 170 -4.17 -19.31 1.13
N ASP A 171 -3.91 -18.14 1.68
CA ASP A 171 -4.48 -17.74 2.95
C ASP A 171 -5.88 -17.26 2.63
N PRO A 172 -6.96 -17.98 2.95
CA PRO A 172 -8.29 -17.50 2.55
C PRO A 172 -8.65 -16.14 3.14
N ALA A 173 -8.07 -15.84 4.29
CA ALA A 173 -8.33 -14.63 5.03
C ALA A 173 -7.42 -13.46 4.62
N ALA A 174 -6.60 -13.66 3.59
CA ALA A 174 -5.83 -12.55 3.03
C ALA A 174 -6.63 -11.85 1.96
N ALA A 175 -6.85 -10.56 2.13
CA ALA A 175 -7.47 -9.67 1.14
C ALA A 175 -6.34 -9.05 0.36
N VAL A 176 -6.15 -9.49 -0.87
CA VAL A 176 -4.96 -9.17 -1.66
C VAL A 176 -5.34 -8.17 -2.74
N TYR A 177 -4.59 -7.07 -2.77
CA TYR A 177 -4.79 -5.97 -3.71
C TYR A 177 -3.48 -5.75 -4.47
N VAL A 178 -3.49 -5.94 -5.79
CA VAL A 178 -2.33 -5.72 -6.61
C VAL A 178 -2.21 -4.24 -6.93
N ASP A 179 -1.04 -3.66 -6.74
CA ASP A 179 -0.98 -2.22 -6.99
C ASP A 179 -1.13 -1.91 -8.45
N ALA A 180 -1.90 -0.85 -8.73
CA ALA A 180 -2.30 -0.47 -10.08
C ALA A 180 -2.00 0.99 -10.40
N GLY A 181 -1.07 1.64 -9.69
CA GLY A 181 -0.70 2.99 -10.06
C GLY A 181 -1.74 4.01 -9.64
N HIS A 182 -2.04 4.95 -10.51
CA HIS A 182 -3.00 5.99 -10.19
C HIS A 182 -3.57 6.55 -11.49
N SER A 183 -4.54 7.44 -11.34
CA SER A 183 -5.32 7.93 -12.45
C SER A 183 -4.58 8.79 -13.45
N ARG A 184 -3.33 9.17 -13.17
CA ARG A 184 -2.52 9.92 -14.12
CA ARG A 184 -2.50 9.94 -14.10
C ARG A 184 -1.23 9.19 -14.50
N TRP A 185 -1.24 7.87 -14.35
CA TRP A 185 -0.11 7.04 -14.70
C TRP A 185 -0.46 6.28 -15.99
N LEU A 186 -0.77 4.98 -15.92
CA LEU A 186 -1.27 4.28 -17.10
C LEU A 186 -2.74 4.57 -17.31
N SER A 187 -3.24 4.41 -18.54
CA SER A 187 -4.65 4.47 -18.74
C SER A 187 -5.35 3.31 -18.03
N ALA A 188 -6.64 3.44 -17.82
CA ALA A 188 -7.42 2.36 -17.25
C ALA A 188 -7.33 1.10 -18.10
N GLU A 189 -7.39 1.25 -19.43
CA GLU A 189 -7.30 0.10 -20.33
CA GLU A 189 -7.26 0.06 -20.31
C GLU A 189 -5.92 -0.57 -20.22
N ALA A 190 -4.85 0.21 -20.21
CA ALA A 190 -3.53 -0.37 -20.13
C ALA A 190 -3.31 -1.09 -18.79
N MET A 191 -3.73 -0.46 -17.71
CA MET A 191 -3.56 -1.08 -16.40
C MET A 191 -4.48 -2.30 -16.23
N ALA A 192 -5.72 -2.23 -16.69
CA ALA A 192 -6.56 -3.39 -16.62
C ALA A 192 -5.97 -4.57 -17.36
N ALA A 193 -5.32 -4.34 -18.50
CA ALA A 193 -4.73 -5.44 -19.23
C ALA A 193 -3.62 -6.08 -18.38
N ARG A 194 -2.81 -5.29 -17.69
CA ARG A 194 -1.79 -5.86 -16.83
C ARG A 194 -2.37 -6.59 -15.65
N LEU A 195 -3.38 -6.01 -15.00
CA LEU A 195 -4.04 -6.67 -13.89
C LEU A 195 -4.64 -8.02 -14.31
N ASN A 196 -5.31 -8.04 -15.46
CA ASN A 196 -5.84 -9.29 -15.97
C ASN A 196 -4.73 -10.30 -16.25
N ASP A 197 -3.61 -9.86 -16.76
CA ASP A 197 -2.51 -10.76 -17.04
C ASP A 197 -1.92 -11.39 -15.78
N VAL A 198 -1.94 -10.70 -14.64
CA VAL A 198 -1.37 -11.23 -13.42
C VAL A 198 -2.41 -11.90 -12.53
N GLY A 199 -3.62 -12.08 -13.03
CA GLY A 199 -4.63 -12.82 -12.32
C GLY A 199 -5.36 -12.05 -11.24
N VAL A 200 -5.70 -10.79 -11.52
CA VAL A 200 -6.45 -10.01 -10.56
C VAL A 200 -7.74 -10.67 -10.14
N GLY A 201 -8.36 -11.48 -11.00
CA GLY A 201 -9.58 -12.18 -10.63
C GLY A 201 -9.42 -13.14 -9.49
N ARG A 202 -8.22 -13.60 -9.20
CA ARG A 202 -7.96 -14.47 -8.08
C ARG A 202 -7.69 -13.69 -6.80
N ALA A 203 -7.38 -12.42 -6.93
CA ALA A 203 -7.19 -11.51 -5.80
C ALA A 203 -8.50 -10.83 -5.46
N ARG A 204 -8.50 -9.99 -4.43
CA ARG A 204 -9.67 -9.15 -4.17
C ARG A 204 -9.74 -8.02 -5.17
N GLY A 205 -8.59 -7.49 -5.61
CA GLY A 205 -8.55 -6.46 -6.63
C GLY A 205 -7.23 -5.72 -6.62
N PHE A 206 -7.29 -4.40 -6.54
CA PHE A 206 -6.13 -3.57 -6.79
C PHE A 206 -6.10 -2.36 -5.86
N SER A 207 -4.93 -1.70 -5.81
CA SER A 207 -4.74 -0.48 -5.05
C SER A 207 -4.37 0.69 -5.96
N LEU A 208 -4.77 1.88 -5.50
CA LEU A 208 -4.55 3.13 -6.22
C LEU A 208 -3.97 4.19 -5.32
N ASN A 209 -3.22 5.11 -5.93
CA ASN A 209 -2.74 6.34 -5.30
C ASN A 209 -1.66 6.10 -4.25
N VAL A 210 -1.04 4.92 -4.21
CA VAL A 210 -0.09 4.65 -3.13
C VAL A 210 1.08 5.64 -3.23
N SER A 211 1.38 6.30 -2.12
CA SER A 211 2.43 7.31 -2.05
C SER A 211 2.14 8.51 -2.95
N ASN A 212 0.93 8.68 -3.45
CA ASN A 212 0.62 9.84 -4.26
C ASN A 212 -0.47 10.67 -3.59
N PHE A 213 -1.05 11.60 -4.36
CA PHE A 213 -1.72 12.76 -3.83
C PHE A 213 -3.02 13.11 -4.55
N TYR A 214 -3.43 12.29 -5.50
CA TYR A 214 -4.63 12.61 -6.28
C TYR A 214 -5.86 12.50 -5.44
N THR A 215 -6.90 13.30 -5.79
CA THR A 215 -8.09 13.32 -4.99
C THR A 215 -8.79 11.95 -5.00
N THR A 216 -9.49 11.71 -3.89
CA THR A 216 -10.27 10.48 -3.78
C THR A 216 -11.26 10.39 -4.92
N ASP A 217 -11.96 11.48 -5.24
CA ASP A 217 -12.92 11.45 -6.31
C ASP A 217 -12.31 11.05 -7.61
N GLU A 218 -11.14 11.60 -7.94
CA GLU A 218 -10.52 11.24 -9.20
C GLU A 218 -10.19 9.73 -9.18
N GLU A 219 -9.69 9.25 -8.05
CA GLU A 219 -9.31 7.83 -7.96
C GLU A 219 -10.49 6.90 -7.99
N ILE A 220 -11.63 7.30 -7.45
CA ILE A 220 -12.85 6.49 -7.57
C ILE A 220 -13.24 6.35 -9.02
N GLY A 221 -13.22 7.44 -9.78
CA GLY A 221 -13.63 7.31 -11.16
C GLY A 221 -12.70 6.35 -11.92
N TYR A 222 -11.39 6.44 -11.65
CA TYR A 222 -10.42 5.58 -12.29
C TYR A 222 -10.60 4.14 -11.84
N GLY A 223 -10.80 3.92 -10.54
CA GLY A 223 -11.00 2.58 -10.00
C GLY A 223 -12.28 1.93 -10.49
N GLU A 224 -13.37 2.69 -10.59
CA GLU A 224 -14.57 2.12 -11.17
C GLU A 224 -14.37 1.70 -12.60
N ALA A 225 -13.60 2.47 -13.36
CA ALA A 225 -13.29 2.11 -14.75
C ALA A 225 -12.46 0.86 -14.82
N ILE A 226 -11.40 0.74 -14.02
CA ILE A 226 -10.62 -0.49 -14.00
C ILE A 226 -11.45 -1.66 -13.53
N SER A 227 -12.27 -1.47 -12.49
CA SER A 227 -13.15 -2.53 -12.02
C SER A 227 -13.99 -3.09 -13.17
N GLY A 228 -14.59 -2.21 -13.96
CA GLY A 228 -15.41 -2.65 -15.08
C GLY A 228 -14.66 -3.46 -16.11
N LEU A 229 -13.36 -3.22 -16.27
CA LEU A 229 -12.51 -3.92 -17.21
C LEU A 229 -11.82 -5.15 -16.63
N THR A 230 -12.07 -5.43 -15.36
CA THR A 230 -11.50 -6.55 -14.63
C THR A 230 -12.58 -7.36 -13.92
N ASN A 231 -13.74 -7.49 -14.56
CA ASN A 231 -14.81 -8.36 -14.08
C ASN A 231 -15.28 -8.01 -12.69
N GLY A 232 -15.35 -6.72 -12.39
CA GLY A 232 -15.92 -6.27 -11.15
C GLY A 232 -15.00 -6.36 -9.94
N SER A 233 -13.71 -6.29 -10.15
CA SER A 233 -12.80 -6.33 -9.02
CA SER A 233 -12.72 -6.31 -9.06
C SER A 233 -12.94 -5.11 -8.12
N HIS A 234 -12.45 -5.21 -6.90
CA HIS A 234 -12.56 -4.17 -5.91
C HIS A 234 -11.23 -3.49 -5.67
N TYR A 235 -11.25 -2.34 -5.00
CA TYR A 235 -10.01 -1.61 -4.83
C TYR A 235 -9.98 -0.82 -3.55
N VAL A 236 -8.76 -0.41 -3.21
CA VAL A 236 -8.50 0.49 -2.10
C VAL A 236 -7.76 1.72 -2.66
N ILE A 237 -7.96 2.87 -1.99
CA ILE A 237 -7.29 4.12 -2.35
C ILE A 237 -6.46 4.56 -1.17
N ASP A 238 -5.20 4.90 -1.42
CA ASP A 238 -4.34 5.52 -0.41
C ASP A 238 -4.73 6.99 -0.26
N THR A 239 -5.30 7.33 0.90
CA THR A 239 -5.72 8.68 1.25
C THR A 239 -4.79 9.32 2.26
N SER A 240 -3.59 8.77 2.44
CA SER A 240 -2.64 9.33 3.39
C SER A 240 -2.30 10.79 3.18
N ARG A 241 -2.19 11.22 1.93
CA ARG A 241 -1.66 12.56 1.65
C ARG A 241 -2.45 13.31 0.61
N ASN A 242 -3.73 12.99 0.43
CA ASN A 242 -4.49 13.52 -0.68
C ASN A 242 -5.59 14.51 -0.26
N GLY A 243 -5.52 15.03 0.95
CA GLY A 243 -6.57 15.93 1.41
C GLY A 243 -6.63 17.27 0.68
N ALA A 244 -5.51 17.68 0.07
CA ALA A 244 -5.45 18.91 -0.71
C ALA A 244 -5.21 18.61 -2.18
N GLY A 245 -5.39 17.37 -2.60
CA GLY A 245 -5.04 17.00 -3.93
C GLY A 245 -3.57 17.13 -4.21
N PRO A 246 -3.20 17.04 -5.50
CA PRO A 246 -1.79 17.05 -5.89
C PRO A 246 -1.25 18.44 -6.02
N ALA A 247 0.07 18.55 -5.91
CA ALA A 247 0.77 19.78 -6.25
C ALA A 247 0.67 20.00 -7.77
N PRO A 248 0.89 21.24 -8.21
CA PRO A 248 0.84 21.55 -9.65
C PRO A 248 1.73 20.65 -10.49
N ASP A 249 1.24 20.30 -11.68
CA ASP A 249 1.82 19.31 -12.58
C ASP A 249 3.23 19.76 -12.90
N ALA A 250 4.20 18.94 -12.53
CA ALA A 250 5.60 19.20 -12.79
C ALA A 250 6.34 17.89 -12.57
N PRO A 251 7.50 17.72 -13.19
CA PRO A 251 8.43 16.69 -12.75
C PRO A 251 8.73 16.82 -11.24
N LEU A 252 8.75 15.68 -10.65
CA LEU A 252 9.04 15.48 -9.26
C LEU A 252 8.01 16.08 -8.33
N ASN A 253 6.82 16.40 -8.84
CA ASN A 253 5.77 16.89 -7.94
C ASN A 253 5.23 15.86 -6.96
N TRP A 254 5.62 14.60 -7.15
CA TRP A 254 5.28 13.50 -6.28
C TRP A 254 6.34 13.27 -5.21
N CYS A 255 7.47 14.02 -5.27
CA CYS A 255 8.64 13.72 -4.45
C CYS A 255 8.75 14.79 -3.36
N ASN A 256 8.29 14.47 -2.16
CA ASN A 256 8.26 15.43 -1.05
C ASN A 256 7.68 16.78 -1.40
N PRO A 257 6.54 16.85 -2.09
CA PRO A 257 5.97 18.17 -2.37
C PRO A 257 5.52 18.84 -1.10
N SER A 258 5.54 20.16 -1.12
CA SER A 258 4.99 20.92 0.00
C SER A 258 3.49 21.19 -0.25
N GLY A 259 2.85 21.63 0.82
CA GLY A 259 1.49 22.04 0.74
C GLY A 259 0.46 20.90 0.69
N ARG A 260 0.88 19.66 0.86
CA ARG A 260 -0.06 18.54 0.82
C ARG A 260 -0.64 18.32 2.20
N ALA A 261 -1.81 17.68 2.24
CA ALA A 261 -2.52 17.48 3.49
C ALA A 261 -2.91 16.03 3.67
N LEU A 262 -2.95 15.60 4.92
CA LEU A 262 -3.57 14.30 5.25
C LEU A 262 -4.94 14.24 4.60
N GLY A 263 -5.30 13.08 4.06
CA GLY A 263 -6.63 12.82 3.56
C GLY A 263 -7.49 12.10 4.54
N ALA A 264 -8.60 11.58 4.04
CA ALA A 264 -9.58 10.91 4.91
C ALA A 264 -8.91 9.83 5.70
N PRO A 265 -9.21 9.75 6.99
CA PRO A 265 -8.69 8.62 7.76
C PRO A 265 -9.21 7.28 7.23
N PRO A 266 -8.46 6.22 7.47
CA PRO A 266 -8.87 4.91 6.95
C PRO A 266 -10.27 4.53 7.35
N THR A 267 -11.02 4.00 6.39
CA THR A 267 -12.44 3.68 6.58
C THR A 267 -12.90 2.76 5.46
N THR A 268 -13.98 2.00 5.74
CA THR A 268 -14.69 1.30 4.69
C THR A 268 -15.91 2.05 4.21
N ALA A 269 -16.22 3.20 4.81
CA ALA A 269 -17.35 4.02 4.39
C ALA A 269 -16.95 4.91 3.21
N THR A 270 -16.87 4.31 2.05
CA THR A 270 -16.32 4.96 0.87
C THR A 270 -17.46 5.42 -0.06
N ALA A 271 -17.07 6.17 -1.09
CA ALA A 271 -18.01 6.74 -2.06
C ALA A 271 -17.88 6.06 -3.40
N GLY A 272 -17.25 4.90 -3.48
CA GLY A 272 -17.14 4.17 -4.73
C GLY A 272 -17.81 2.82 -4.60
N ALA A 273 -18.56 2.42 -5.62
CA ALA A 273 -19.31 1.16 -5.60
C ALA A 273 -18.41 -0.05 -5.37
N HIS A 274 -17.16 0.00 -5.85
CA HIS A 274 -16.23 -1.12 -5.69
C HIS A 274 -15.03 -0.72 -4.84
N ALA A 275 -15.10 0.39 -4.12
CA ALA A 275 -14.04 0.83 -3.24
C ALA A 275 -14.23 0.18 -1.86
N ASP A 276 -13.42 -0.82 -1.54
CA ASP A 276 -13.48 -1.49 -0.26
C ASP A 276 -13.05 -0.60 0.90
N ALA A 277 -12.08 0.30 0.67
CA ALA A 277 -11.58 1.15 1.74
C ALA A 277 -10.76 2.31 1.20
N TYR A 278 -10.71 3.33 2.03
CA TYR A 278 -9.63 4.32 2.04
C TYR A 278 -8.65 3.83 3.09
N LEU A 279 -7.37 3.72 2.71
CA LEU A 279 -6.32 3.27 3.62
C LEU A 279 -5.21 4.30 3.62
N TRP A 280 -4.39 4.29 4.67
CA TRP A 280 -3.09 4.99 4.64
C TRP A 280 -2.05 3.95 4.37
N ILE A 281 -1.62 3.87 3.11
CA ILE A 281 -0.68 2.83 2.68
C ILE A 281 0.74 3.39 2.86
N LYS A 282 1.05 4.46 2.14
CA LYS A 282 2.18 5.32 2.54
C LYS A 282 1.99 5.76 3.99
N ARG A 283 3.12 5.80 4.70
CA ARG A 283 3.16 6.26 6.09
C ARG A 283 3.52 7.75 6.12
N PRO A 284 2.56 8.62 6.47
CA PRO A 284 2.86 10.05 6.54
C PRO A 284 4.06 10.35 7.42
N GLY A 285 4.95 11.22 6.91
CA GLY A 285 6.22 11.49 7.57
C GLY A 285 7.38 10.89 6.85
N GLU A 286 7.24 9.76 6.17
CA GLU A 286 8.37 9.20 5.44
C GLU A 286 8.73 10.08 4.28
N SER A 287 10.04 10.30 4.09
CA SER A 287 10.51 10.95 2.91
C SER A 287 10.24 10.09 1.68
N ASP A 288 9.93 10.74 0.57
CA ASP A 288 9.80 10.08 -0.72
C ASP A 288 11.14 9.79 -1.37
N GLY A 289 12.21 10.41 -0.89
CA GLY A 289 13.50 10.29 -1.52
C GLY A 289 14.32 11.55 -1.36
N THR A 290 15.52 11.50 -1.95
CA THR A 290 16.39 12.66 -1.94
C THR A 290 15.86 13.79 -2.80
N CYS A 291 15.14 13.43 -3.89
CA CYS A 291 14.28 14.35 -4.67
C CYS A 291 14.95 15.58 -5.36
N GLY A 292 16.23 15.48 -5.62
CA GLY A 292 16.98 16.58 -6.21
C GLY A 292 17.36 17.69 -5.26
N ARG A 293 17.15 17.48 -3.97
CA ARG A 293 17.34 18.51 -2.98
C ARG A 293 18.10 18.00 -1.79
N GLY A 294 18.69 16.80 -1.82
CA GLY A 294 19.38 16.34 -0.66
C GLY A 294 18.49 16.04 0.53
N GLU A 295 17.23 15.70 0.26
CA GLU A 295 16.27 15.34 1.29
C GLU A 295 16.55 13.91 1.77
N PRO A 296 15.92 13.50 2.88
CA PRO A 296 16.26 12.20 3.45
C PRO A 296 15.94 11.05 2.53
N GLN A 297 16.72 9.98 2.66
CA GLN A 297 16.52 8.77 1.86
C GLN A 297 15.06 8.30 1.94
N ALA A 298 14.59 7.75 0.83
CA ALA A 298 13.24 7.25 0.74
C ALA A 298 12.95 6.31 1.90
N GLY A 299 11.84 6.53 2.56
CA GLY A 299 11.38 5.73 3.67
C GLY A 299 11.78 6.24 5.03
N ARG A 300 12.72 7.16 5.11
CA ARG A 300 13.15 7.66 6.42
C ARG A 300 12.09 8.59 6.98
N PHE A 301 11.74 8.38 8.24
CA PHE A 301 10.71 9.19 8.87
C PHE A 301 11.24 10.56 9.25
N VAL A 302 10.48 11.58 8.90
CA VAL A 302 10.80 12.97 9.17
C VAL A 302 9.61 13.56 9.92
N SER A 303 9.76 13.84 11.21
CA SER A 303 8.64 14.37 11.96
C SER A 303 8.05 15.59 11.30
N GLN A 304 8.88 16.49 10.81
CA GLN A 304 8.37 17.70 10.18
C GLN A 304 7.43 17.40 9.04
N TYR A 305 7.72 16.36 8.26
CA TYR A 305 6.84 16.03 7.15
C TYR A 305 5.45 15.58 7.62
N ALA A 306 5.42 14.77 8.68
CA ALA A 306 4.12 14.35 9.24
C ALA A 306 3.37 15.54 9.79
N ILE A 307 4.08 16.42 10.50
CA ILE A 307 3.46 17.61 11.07
C ILE A 307 2.95 18.52 9.98
N ASP A 308 3.70 18.71 8.90
CA ASP A 308 3.25 19.54 7.80
C ASP A 308 1.94 19.00 7.22
N LEU A 309 1.87 17.69 7.00
CA LEU A 309 0.65 17.09 6.44
C LEU A 309 -0.54 17.35 7.35
N ALA A 310 -0.34 17.21 8.64
CA ALA A 310 -1.42 17.42 9.59
C ALA A 310 -1.79 18.91 9.67
N HIS A 311 -0.80 19.79 9.74
CA HIS A 311 -1.06 21.26 9.70
CA HIS A 311 -1.07 21.19 9.79
C HIS A 311 -1.81 21.66 8.51
N ASN A 312 -1.44 21.12 7.36
CA ASN A 312 -2.10 21.51 6.11
C ASN A 312 -3.53 20.98 6.03
N ALA A 313 -3.84 19.96 6.81
CA ALA A 313 -5.22 19.46 7.00
C ALA A 313 -5.96 20.23 8.07
N GLY A 314 -5.36 21.30 8.61
CA GLY A 314 -6.01 22.12 9.64
C GLY A 314 -5.85 21.66 11.05
N GLN A 315 -5.01 20.67 11.30
CA GLN A 315 -4.76 20.13 12.64
C GLN A 315 -3.57 20.74 13.35
C1 SSG B . 7.08 11.53 -17.24
C2 SSG B . 5.80 12.35 -17.07
O2 SSG B . 6.12 13.65 -16.58
C3 SSG B . 4.79 11.67 -16.14
O3 SSG B . 3.49 12.28 -16.22
C4 SSG B . 4.64 10.19 -16.47
C5 SSG B . 6.03 9.52 -16.58
O5 SSG B . 6.80 10.19 -17.60
C6 SSG B . 5.87 8.05 -16.95
O6 SSG B . 7.09 7.33 -16.83
S4 SSG B . 3.51 9.40 -15.26
C1 SSG B . 4.50 9.42 -13.80
C2 SSG B . 3.66 9.22 -12.53
O2 SSG B . 2.69 10.27 -12.36
C3 SSG B . 4.58 9.23 -11.34
O3 SSG B . 3.75 8.88 -10.22
C4 SSG B . 5.75 8.28 -11.52
C5 SSG B . 6.40 8.41 -12.88
O5 SSG B . 5.42 8.34 -13.89
C6 SSG B . 7.37 7.28 -13.18
O6 SSG B . 8.06 7.50 -14.42
S4 SSG B . 7.02 8.68 -10.28
C1 GLC B . 6.74 7.42 -9.07
C2 GLC B . 7.96 7.28 -8.15
C3 GLC B . 7.65 6.19 -7.15
C4 GLC B . 6.42 6.55 -6.36
C5 GLC B . 5.23 6.82 -7.31
C6 GLC B . 4.01 7.37 -6.60
O2 GLC B . 9.12 6.94 -8.91
O3 GLC B . 8.75 5.95 -6.28
O4 GLC B . 6.10 5.56 -5.42
O5 GLC B . 5.60 7.77 -8.28
O6 GLC B . 2.91 7.52 -7.47
S4 SGC C . 8.19 12.40 -18.35
C1 GOL D . 9.28 5.70 -0.02
O1 GOL D . 9.74 4.67 -0.86
C2 GOL D . 8.18 5.16 1.00
O2 GOL D . 7.96 6.14 2.01
C3 GOL D . 7.01 5.10 0.10
O3 GOL D . 6.81 6.38 -0.59
C1 GOL E . 11.66 15.84 20.94
O1 GOL E . 10.68 16.82 21.23
C2 GOL E . 12.71 15.61 22.06
O2 GOL E . 12.14 15.16 23.23
C3 GOL E . 13.79 14.59 21.70
O3 GOL E . 13.25 13.32 21.41
S SO4 F . 19.71 14.22 -5.07
O1 SO4 F . 20.73 13.21 -4.82
O2 SO4 F . 19.67 14.90 -3.77
O3 SO4 F . 18.47 13.51 -5.43
O4 SO4 F . 20.21 15.04 -6.17
#